data_4LIY
#
_entry.id   4LIY
#
_cell.length_a   96.663
_cell.length_b   96.663
_cell.length_c   156.399
_cell.angle_alpha   90.00
_cell.angle_beta   90.00
_cell.angle_gamma   120.00
#
_symmetry.space_group_name_H-M   'P 32 2 1'
#
loop_
_entity.id
_entity.type
_entity.pdbx_description
1 polymer 'Fiber protein'
2 non-polymer 'SULFATE ION'
3 water water
#
_entity_poly.entity_id   1
_entity_poly.type   'polypeptide(L)'
_entity_poly.pdbx_seq_one_letter_code
;MRGSHHHHHHGSKVSALKEKVSALKEKVSALKEKVSALKEKVSALKEGSGGGSGGGSGGGSNSIALKNNTLWTGPKPEAN
CIIEYGKQNPDSKLTLILVKNGGIVNGYVTLMGASDYVNTLFKNKNVSINVELYFDATGHILPDSSSLKTDLELEYKQTA
DSSARGFMPSTTAYPFVLPNAGTHNENYIFGQCYYKASDGALFPLEVTVMLNKRLPDSRTSYVMTFLWSLNAGLAPETTQ
ATLITSPFTFSYIREDD
;
_entity_poly.pdbx_strand_id   A,B,C
#
# COMPACT_ATOMS: atom_id res chain seq x y z
N ASN A 68 -20.62 -3.40 8.23
CA ASN A 68 -20.28 -3.59 9.64
C ASN A 68 -18.98 -2.86 9.94
N ASN A 69 -17.91 -3.31 9.32
CA ASN A 69 -16.62 -2.65 9.43
C ASN A 69 -16.22 -2.09 8.06
N THR A 70 -17.17 -2.08 7.12
CA THR A 70 -16.95 -1.57 5.76
C THR A 70 -17.96 -0.47 5.35
N LEU A 71 -17.48 0.69 4.97
CA LEU A 71 -18.33 1.74 4.46
C LEU A 71 -17.97 2.00 3.03
N TRP A 72 -18.92 1.94 2.12
CA TRP A 72 -18.57 1.93 0.74
C TRP A 72 -19.64 2.36 -0.25
N THR A 73 -19.21 2.53 -1.47
CA THR A 73 -20.05 2.84 -2.59
C THR A 73 -20.64 1.61 -3.24
N GLY A 74 -20.29 0.45 -2.75
CA GLY A 74 -20.54 -0.81 -3.43
C GLY A 74 -19.37 -1.14 -4.37
N PRO A 75 -19.33 -2.39 -4.87
CA PRO A 75 -18.19 -2.88 -5.65
C PRO A 75 -18.17 -2.45 -7.10
N LYS A 76 -19.32 -2.02 -7.64
CA LYS A 76 -19.44 -1.70 -9.06
C LYS A 76 -20.54 -0.66 -9.27
N PRO A 77 -20.31 0.56 -8.77
CA PRO A 77 -21.37 1.57 -8.70
C PRO A 77 -21.68 2.21 -10.03
N GLU A 78 -22.95 2.60 -10.21
CA GLU A 78 -23.34 3.36 -11.37
C GLU A 78 -22.77 4.76 -11.22
N ALA A 79 -22.84 5.55 -12.28
CA ALA A 79 -22.25 6.90 -12.25
C ALA A 79 -22.78 7.66 -11.06
N ASN A 80 -21.87 8.14 -10.22
CA ASN A 80 -22.24 8.69 -8.93
C ASN A 80 -21.42 9.93 -8.55
N CYS A 81 -20.57 10.40 -9.45
CA CYS A 81 -19.59 11.42 -9.09
C CYS A 81 -19.42 12.42 -10.25
N ILE A 82 -19.25 13.69 -9.89
CA ILE A 82 -19.10 14.76 -10.88
C ILE A 82 -17.68 15.32 -10.88
N ILE A 83 -17.01 15.18 -12.02
CA ILE A 83 -15.68 15.70 -12.24
C ILE A 83 -15.71 17.08 -12.89
N GLU A 84 -16.47 17.20 -13.97
CA GLU A 84 -16.53 18.43 -14.75
C GLU A 84 -17.21 19.55 -13.98
N TYR A 85 -16.51 20.67 -13.84
CA TYR A 85 -17.06 21.82 -13.14
C TYR A 85 -18.26 22.34 -13.91
N GLY A 86 -19.34 22.66 -13.18
CA GLY A 86 -20.54 23.21 -13.79
C GLY A 86 -21.51 22.13 -14.18
N LYS A 87 -21.01 20.90 -14.34
CA LYS A 87 -21.87 19.80 -14.76
C LYS A 87 -22.87 19.46 -13.67
N GLN A 88 -23.96 18.83 -14.10
CA GLN A 88 -25.23 18.83 -13.38
C GLN A 88 -25.48 17.44 -12.79
N ASN A 89 -25.12 16.43 -13.56
CA ASN A 89 -25.30 15.04 -13.17
C ASN A 89 -23.98 14.30 -13.24
N PRO A 90 -23.87 13.17 -12.54
CA PRO A 90 -22.67 12.34 -12.53
C PRO A 90 -22.06 12.16 -13.92
N ASP A 91 -20.75 12.34 -14.03
CA ASP A 91 -20.02 12.06 -15.26
C ASP A 91 -18.96 10.97 -15.04
N SER A 92 -18.98 10.32 -13.88
CA SER A 92 -17.98 9.31 -13.57
C SER A 92 -18.46 8.35 -12.47
N LYS A 93 -17.76 7.20 -12.35
CA LYS A 93 -18.08 6.21 -11.32
C LYS A 93 -16.95 6.13 -10.32
N LEU A 94 -17.25 6.53 -9.08
CA LEU A 94 -16.28 6.49 -8.00
C LEU A 94 -16.52 5.25 -7.16
N THR A 95 -15.54 4.36 -7.14
CA THR A 95 -15.54 3.23 -6.20
C THR A 95 -14.68 3.62 -5.01
N LEU A 96 -15.28 3.67 -3.82
CA LEU A 96 -14.55 4.03 -2.61
C LEU A 96 -14.96 3.09 -1.50
N ILE A 97 -13.98 2.48 -0.86
CA ILE A 97 -14.22 1.43 0.15
C ILE A 97 -13.34 1.76 1.33
N LEU A 98 -13.97 1.91 2.49
CA LEU A 98 -13.28 2.26 3.73
C LEU A 98 -13.52 1.16 4.74
N VAL A 99 -12.45 0.50 5.17
CA VAL A 99 -12.58 -0.62 6.11
C VAL A 99 -11.87 -0.30 7.43
N LYS A 100 -12.59 -0.42 8.54
CA LYS A 100 -11.99 -0.25 9.86
C LYS A 100 -11.09 -1.41 10.20
N ASN A 101 -9.87 -1.12 10.63
CA ASN A 101 -8.87 -2.13 10.99
C ASN A 101 -8.18 -1.61 12.25
N GLY A 102 -8.66 -2.00 13.43
CA GLY A 102 -8.16 -1.42 14.67
C GLY A 102 -8.30 0.11 14.65
N GLY A 103 -7.22 0.84 14.96
CA GLY A 103 -7.28 2.30 15.03
C GLY A 103 -7.12 3.04 13.71
N ILE A 104 -7.06 2.29 12.61
CA ILE A 104 -6.95 2.88 11.29
C ILE A 104 -8.07 2.42 10.37
N VAL A 105 -8.21 3.14 9.26
CA VAL A 105 -9.08 2.75 8.16
C VAL A 105 -8.15 2.42 7.01
N ASN A 106 -8.43 1.32 6.31
CA ASN A 106 -7.75 0.98 5.09
C ASN A 106 -8.70 1.34 3.96
N GLY A 107 -8.20 2.11 3.02
CA GLY A 107 -9.03 2.65 1.97
C GLY A 107 -8.63 2.10 0.63
N TYR A 108 -9.61 2.05 -0.27
CA TYR A 108 -9.41 1.57 -1.63
C TYR A 108 -10.22 2.52 -2.52
N VAL A 109 -9.61 3.09 -3.56
CA VAL A 109 -10.34 4.05 -4.39
C VAL A 109 -9.94 3.93 -5.85
N THR A 110 -10.95 3.96 -6.71
CA THR A 110 -10.70 4.02 -8.15
C THR A 110 -11.83 4.84 -8.81
N LEU A 111 -11.47 5.52 -9.89
CA LEU A 111 -12.40 6.36 -10.62
C LEU A 111 -12.47 5.87 -12.06
N MET A 112 -13.71 5.73 -12.56
CA MET A 112 -13.95 5.36 -13.96
C MET A 112 -14.77 6.44 -14.67
N GLY A 113 -14.33 6.85 -15.86
CA GLY A 113 -15.03 7.88 -16.61
C GLY A 113 -16.35 7.41 -17.21
N ALA A 114 -17.37 8.27 -17.18
CA ALA A 114 -18.69 7.96 -17.72
C ALA A 114 -19.25 9.18 -18.48
N SER A 115 -18.40 9.82 -19.27
CA SER A 115 -18.77 10.96 -20.08
C SER A 115 -17.66 11.22 -21.07
N ASP A 116 -17.99 11.85 -22.18
CA ASP A 116 -17.02 12.16 -23.23
C ASP A 116 -15.96 13.14 -22.73
N TYR A 117 -16.33 14.02 -21.81
CA TYR A 117 -15.39 14.97 -21.26
C TYR A 117 -14.29 14.24 -20.46
N VAL A 118 -14.73 13.46 -19.48
CA VAL A 118 -13.78 12.71 -18.64
C VAL A 118 -12.96 11.79 -19.51
N ASN A 119 -13.60 11.14 -20.47
CA ASN A 119 -12.93 10.13 -21.29
C ASN A 119 -12.07 10.71 -22.41
N THR A 120 -11.89 12.03 -22.41
CA THR A 120 -11.02 12.69 -23.37
C THR A 120 -9.94 13.53 -22.67
N LEU A 121 -10.02 13.63 -21.36
CA LEU A 121 -9.01 14.36 -20.59
C LEU A 121 -7.59 13.89 -20.88
N PHE A 122 -7.43 12.59 -21.14
CA PHE A 122 -6.10 12.03 -21.34
C PHE A 122 -5.61 12.18 -22.78
N LYS A 123 -6.24 13.08 -23.52
CA LYS A 123 -5.71 13.52 -24.81
C LYS A 123 -4.68 14.63 -24.57
N ASN A 124 -4.71 15.18 -23.35
CA ASN A 124 -3.70 16.14 -22.91
C ASN A 124 -2.65 15.46 -22.05
N LYS A 125 -1.44 16.03 -22.07
CA LYS A 125 -0.31 15.44 -21.39
C LYS A 125 -0.26 15.85 -19.90
N ASN A 126 -0.96 16.94 -19.58
CA ASN A 126 -1.04 17.41 -18.20
C ASN A 126 -2.48 17.47 -17.76
N VAL A 127 -2.82 16.68 -16.75
CA VAL A 127 -4.20 16.55 -16.33
C VAL A 127 -4.28 16.49 -14.82
N SER A 128 -5.36 17.07 -14.29
CA SER A 128 -5.66 17.00 -12.88
C SER A 128 -7.12 16.62 -12.70
N ILE A 129 -7.37 15.63 -11.86
CA ILE A 129 -8.73 15.23 -11.55
C ILE A 129 -8.96 15.34 -10.05
N ASN A 130 -9.93 16.17 -9.67
CA ASN A 130 -10.24 16.34 -8.27
C ASN A 130 -11.57 15.75 -7.87
N VAL A 131 -11.56 15.05 -6.74
CA VAL A 131 -12.77 14.57 -6.12
C VAL A 131 -12.75 15.06 -4.68
N GLU A 132 -13.84 15.69 -4.26
CA GLU A 132 -13.94 16.29 -2.94
C GLU A 132 -15.12 15.63 -2.20
N LEU A 133 -14.87 15.16 -0.98
CA LEU A 133 -15.92 14.54 -0.18
C LEU A 133 -16.08 15.26 1.14
N TYR A 134 -17.30 15.68 1.46
CA TYR A 134 -17.58 16.39 2.72
C TYR A 134 -18.60 15.59 3.49
N PHE A 135 -18.32 15.37 4.77
CA PHE A 135 -19.16 14.54 5.62
C PHE A 135 -19.69 15.34 6.79
N ASP A 136 -20.90 15.01 7.23
CA ASP A 136 -21.45 15.63 8.43
C ASP A 136 -20.91 14.97 9.69
N ALA A 137 -21.47 15.36 10.83
CA ALA A 137 -20.95 14.96 12.13
C ALA A 137 -21.03 13.44 12.35
N THR A 138 -21.92 12.75 11.64
CA THR A 138 -22.05 11.30 11.75
C THR A 138 -21.51 10.57 10.53
N GLY A 139 -20.61 11.22 9.79
CA GLY A 139 -19.87 10.58 8.71
C GLY A 139 -20.69 10.26 7.47
N HIS A 140 -21.77 11.02 7.27
CA HIS A 140 -22.57 10.92 6.05
C HIS A 140 -22.20 12.00 5.06
N ILE A 141 -22.13 11.62 3.79
CA ILE A 141 -21.84 12.55 2.70
C ILE A 141 -22.80 13.74 2.65
N LEU A 142 -22.28 14.92 2.37
CA LEU A 142 -23.10 16.09 2.05
C LEU A 142 -23.05 16.23 0.53
N PRO A 143 -24.09 15.73 -0.16
CA PRO A 143 -24.05 15.59 -1.63
C PRO A 143 -24.05 16.90 -2.39
N ASP A 144 -24.62 17.96 -1.83
CA ASP A 144 -24.71 19.20 -2.58
C ASP A 144 -23.33 19.78 -2.85
N SER A 145 -22.44 19.64 -1.86
CA SER A 145 -21.09 20.22 -1.90
C SER A 145 -20.03 19.19 -2.30
N SER A 146 -20.35 17.92 -2.14
CA SER A 146 -19.39 16.85 -2.46
C SER A 146 -19.41 16.49 -3.94
N SER A 147 -18.28 16.03 -4.46
CA SER A 147 -18.21 15.50 -5.82
C SER A 147 -19.10 14.25 -5.95
N LEU A 148 -19.26 13.53 -4.85
CA LEU A 148 -20.03 12.29 -4.80
C LEU A 148 -21.44 12.57 -4.33
N LYS A 149 -22.43 12.10 -5.09
CA LYS A 149 -23.81 12.56 -4.95
C LYS A 149 -24.71 11.54 -4.30
N THR A 150 -24.13 10.38 -4.01
CA THR A 150 -24.82 9.33 -3.31
C THR A 150 -24.04 8.94 -2.07
N ASP A 151 -24.72 8.88 -0.93
CA ASP A 151 -24.03 8.60 0.30
C ASP A 151 -23.42 7.19 0.28
N LEU A 152 -22.42 6.99 1.11
CA LEU A 152 -21.83 5.68 1.29
C LEU A 152 -22.78 4.86 2.14
N GLU A 153 -22.67 3.54 2.05
CA GLU A 153 -23.46 2.65 2.89
C GLU A 153 -22.56 1.63 3.57
N LEU A 154 -23.07 1.10 4.67
CA LEU A 154 -22.40 0.04 5.39
C LEU A 154 -22.79 -1.30 4.82
N GLU A 155 -21.82 -2.21 4.77
CA GLU A 155 -22.06 -3.55 4.25
C GLU A 155 -23.08 -4.25 5.15
N TYR A 156 -22.88 -4.11 6.46
CA TYR A 156 -23.78 -4.67 7.45
C TYR A 156 -24.89 -3.68 7.79
N LYS A 157 -26.01 -3.77 7.07
CA LYS A 157 -27.18 -2.94 7.36
C LYS A 157 -27.94 -3.45 8.59
N SER A 162 -27.56 4.70 11.45
CA SER A 162 -26.49 4.63 12.45
C SER A 162 -25.28 5.47 12.03
N SER A 163 -24.30 5.55 12.91
CA SER A 163 -23.13 6.40 12.70
C SER A 163 -22.07 5.75 11.81
N ALA A 164 -21.48 6.57 10.96
CA ALA A 164 -20.30 6.19 10.21
C ALA A 164 -19.15 7.04 10.71
N ARG A 165 -19.33 7.66 11.89
CA ARG A 165 -18.32 8.52 12.47
C ARG A 165 -16.98 7.81 12.62
N GLY A 166 -17.01 6.52 12.96
CA GLY A 166 -15.80 5.77 13.22
C GLY A 166 -14.94 5.54 11.98
N PHE A 167 -15.51 5.81 10.80
CA PHE A 167 -14.81 5.69 9.53
C PHE A 167 -14.11 6.97 9.09
N MET A 168 -14.36 8.06 9.80
CA MET A 168 -13.88 9.37 9.40
C MET A 168 -12.42 9.58 9.82
N PRO A 169 -11.69 10.44 9.11
CA PRO A 169 -10.31 10.76 9.48
C PRO A 169 -10.26 11.54 10.79
N SER A 170 -9.39 11.13 11.69
CA SER A 170 -9.26 11.77 13.01
C SER A 170 -9.00 13.28 12.88
N THR A 171 -9.72 14.08 13.65
CA THR A 171 -9.46 15.54 13.66
C THR A 171 -8.31 15.84 14.61
N THR A 172 -7.86 14.81 15.34
CA THR A 172 -6.70 14.94 16.20
C THR A 172 -5.44 14.67 15.40
N ALA A 173 -5.45 13.60 14.58
CA ALA A 173 -4.32 13.33 13.70
C ALA A 173 -4.27 14.33 12.51
N TYR A 174 -5.44 14.65 11.97
CA TYR A 174 -5.54 15.50 10.77
C TYR A 174 -6.45 16.66 11.12
N PRO A 175 -5.87 17.68 11.75
CA PRO A 175 -6.67 18.77 12.29
C PRO A 175 -7.20 19.72 11.22
N PHE A 176 -8.26 20.44 11.55
CA PHE A 176 -8.69 21.61 10.79
C PHE A 176 -7.87 22.76 11.24
N VAL A 177 -7.45 23.62 10.31
CA VAL A 177 -6.60 24.74 10.65
C VAL A 177 -7.09 26.02 9.99
N LEU A 178 -6.51 27.13 10.40
CA LEU A 178 -6.83 28.41 9.79
C LEU A 178 -6.51 28.39 8.30
N PRO A 179 -7.34 29.05 7.49
CA PRO A 179 -7.19 29.03 6.02
C PRO A 179 -6.01 29.89 5.59
N ASN A 180 -4.82 29.53 6.06
CA ASN A 180 -3.60 30.23 5.68
C ASN A 180 -2.84 29.41 4.67
N ALA A 181 -2.22 30.07 3.70
CA ALA A 181 -1.36 29.39 2.73
C ALA A 181 -0.30 28.60 3.49
N GLY A 182 0.18 27.51 2.93
CA GLY A 182 1.14 26.71 3.66
C GLY A 182 1.07 25.29 3.19
N THR A 183 2.01 24.47 3.63
CA THR A 183 2.12 23.10 3.13
C THR A 183 1.23 22.13 3.90
N HIS A 184 1.11 22.36 5.22
CA HIS A 184 0.20 21.61 6.11
C HIS A 184 0.36 20.13 5.92
N ASN A 185 1.60 19.72 5.81
CA ASN A 185 1.92 18.36 5.41
C ASN A 185 1.19 17.29 6.21
N GLU A 186 0.91 17.58 7.48
CA GLU A 186 0.35 16.55 8.35
C GLU A 186 -1.02 16.08 7.85
N ASN A 187 -1.68 16.89 7.02
CA ASN A 187 -3.01 16.55 6.51
C ASN A 187 -3.00 15.82 5.18
N TYR A 188 -1.81 15.50 4.66
CA TYR A 188 -1.72 14.92 3.32
C TYR A 188 -1.09 13.52 3.29
N ILE A 189 -1.68 12.65 2.48
CA ILE A 189 -1.10 11.38 2.10
C ILE A 189 -0.75 11.44 0.62
N PHE A 190 0.49 11.10 0.26
CA PHE A 190 0.87 11.07 -1.16
C PHE A 190 1.17 9.63 -1.58
N GLY A 191 0.86 9.32 -2.83
CA GLY A 191 1.11 7.99 -3.35
C GLY A 191 0.99 8.01 -4.86
N GLN A 192 0.84 6.83 -5.43
CA GLN A 192 0.88 6.70 -6.87
C GLN A 192 -0.10 5.61 -7.33
N CYS A 193 -0.77 5.82 -8.46
CA CYS A 193 -1.50 4.74 -9.11
C CYS A 193 -1.24 4.90 -10.61
N TYR A 194 -2.00 4.25 -11.48
CA TYR A 194 -1.62 4.22 -12.90
C TYR A 194 -2.82 4.30 -13.82
N TYR A 195 -2.56 4.75 -15.04
CA TYR A 195 -3.51 4.66 -16.12
C TYR A 195 -2.89 3.85 -17.27
N LYS A 196 -3.56 2.77 -17.70
CA LYS A 196 -3.10 2.00 -18.85
C LYS A 196 -3.80 2.50 -20.08
N ALA A 197 -3.02 3.07 -21.00
CA ALA A 197 -3.56 3.66 -22.22
C ALA A 197 -3.95 2.59 -23.24
N SER A 198 -4.71 3.01 -24.25
CA SER A 198 -5.17 2.15 -25.33
C SER A 198 -4.02 1.39 -26.00
N ASP A 199 -2.88 2.05 -26.18
CA ASP A 199 -1.71 1.42 -26.79
C ASP A 199 -1.00 0.47 -25.81
N GLY A 200 -1.53 0.34 -24.59
CA GLY A 200 -0.97 -0.56 -23.59
C GLY A 200 0.13 0.06 -22.74
N ALA A 201 0.44 1.34 -22.98
CA ALA A 201 1.45 2.04 -22.21
C ALA A 201 0.91 2.39 -20.82
N LEU A 202 1.78 2.31 -19.83
CA LEU A 202 1.38 2.55 -18.46
C LEU A 202 1.88 3.93 -18.02
N PHE A 203 0.96 4.77 -17.56
CA PHE A 203 1.28 6.12 -17.10
C PHE A 203 1.10 6.25 -15.59
N PRO A 204 2.13 6.72 -14.88
CA PRO A 204 1.90 6.90 -13.45
C PRO A 204 1.01 8.09 -13.20
N LEU A 205 0.11 7.98 -12.23
CA LEU A 205 -0.67 9.12 -11.79
C LEU A 205 -0.27 9.43 -10.37
N GLU A 206 0.10 10.67 -10.11
CA GLU A 206 0.44 11.08 -8.75
C GLU A 206 -0.85 11.35 -8.00
N VAL A 207 -0.97 10.76 -6.81
CA VAL A 207 -2.17 10.86 -6.03
C VAL A 207 -1.90 11.65 -4.76
N THR A 208 -2.78 12.59 -4.49
CA THR A 208 -2.76 13.39 -3.27
C THR A 208 -4.10 13.21 -2.56
N VAL A 209 -4.05 12.76 -1.31
CA VAL A 209 -5.23 12.69 -0.45
C VAL A 209 -5.10 13.72 0.66
N MET A 210 -6.09 14.62 0.76
CA MET A 210 -6.15 15.56 1.86
C MET A 210 -7.21 15.15 2.85
N LEU A 211 -6.87 15.21 4.13
CA LEU A 211 -7.80 14.85 5.18
C LEU A 211 -8.06 16.07 6.05
N ASN A 212 -9.34 16.37 6.21
CA ASN A 212 -9.78 17.51 7.00
C ASN A 212 -9.05 18.79 6.53
N LYS A 213 -8.29 19.44 7.42
CA LYS A 213 -7.49 20.64 7.11
C LYS A 213 -8.34 21.89 6.88
N ARG A 214 -9.21 21.88 5.88
CA ARG A 214 -9.93 23.09 5.50
C ARG A 214 -11.43 22.84 5.48
N LEU A 215 -12.16 23.46 6.40
CA LEU A 215 -13.62 23.40 6.38
C LEU A 215 -14.16 24.27 5.26
N PRO A 216 -15.07 23.74 4.43
CA PRO A 216 -15.61 24.53 3.31
C PRO A 216 -16.83 25.38 3.73
N ASP A 217 -17.43 25.06 4.87
CA ASP A 217 -18.66 25.72 5.32
C ASP A 217 -18.96 25.23 6.74
N SER A 218 -20.09 25.67 7.27
CA SER A 218 -20.47 25.38 8.65
C SER A 218 -21.27 24.10 8.75
N ARG A 219 -21.51 23.43 7.64
CA ARG A 219 -22.30 22.20 7.63
C ARG A 219 -21.44 20.94 7.73
N THR A 220 -20.12 21.13 7.58
CA THR A 220 -19.19 20.02 7.38
C THR A 220 -18.34 19.69 8.61
N SER A 221 -18.12 18.39 8.87
CA SER A 221 -17.39 17.92 10.05
C SER A 221 -16.10 17.18 9.69
N TYR A 222 -16.08 16.55 8.51
CA TYR A 222 -14.89 15.86 8.00
C TYR A 222 -14.73 16.10 6.50
N VAL A 223 -13.49 16.12 6.05
CA VAL A 223 -13.16 16.31 4.64
C VAL A 223 -12.20 15.22 4.18
N MET A 224 -12.45 14.68 2.99
CA MET A 224 -11.51 13.77 2.33
C MET A 224 -11.51 14.12 0.84
N THR A 225 -10.40 14.62 0.33
CA THR A 225 -10.31 14.98 -1.09
C THR A 225 -9.23 14.14 -1.75
N PHE A 226 -9.42 13.88 -3.04
CA PHE A 226 -8.48 13.10 -3.86
C PHE A 226 -8.09 13.91 -5.08
N LEU A 227 -6.82 13.85 -5.43
CA LEU A 227 -6.32 14.46 -6.65
C LEU A 227 -5.49 13.41 -7.37
N TRP A 228 -5.81 13.13 -8.62
CA TRP A 228 -4.93 12.34 -9.49
C TRP A 228 -4.27 13.30 -10.47
N SER A 229 -2.95 13.31 -10.51
CA SER A 229 -2.20 14.19 -11.42
C SER A 229 -1.39 13.38 -12.41
N LEU A 230 -1.53 13.75 -13.68
CA LEU A 230 -0.69 13.24 -14.75
C LEU A 230 0.11 14.41 -15.28
N ASN A 231 1.42 14.24 -15.35
CA ASN A 231 2.30 15.20 -15.99
C ASN A 231 3.28 14.40 -16.83
N ALA A 232 2.95 14.28 -18.11
CA ALA A 232 3.72 13.45 -19.04
C ALA A 232 4.36 14.31 -20.12
N GLY A 233 5.38 13.74 -20.76
CA GLY A 233 5.99 14.38 -21.92
C GLY A 233 5.11 14.19 -23.15
N LEU A 234 4.43 13.04 -23.24
CA LEU A 234 3.44 12.80 -24.29
C LEU A 234 2.09 12.47 -23.69
N ALA A 235 1.03 12.93 -24.34
CA ALA A 235 -0.32 12.56 -23.94
C ALA A 235 -0.54 11.06 -24.15
N PRO A 236 -1.25 10.41 -23.20
CA PRO A 236 -1.47 8.97 -23.31
C PRO A 236 -2.37 8.56 -24.47
N GLU A 237 -3.30 9.44 -24.85
CA GLU A 237 -4.30 9.13 -25.87
C GLU A 237 -4.39 10.21 -26.96
N THR A 238 -4.85 9.81 -28.13
CA THR A 238 -5.17 10.71 -29.23
C THR A 238 -6.66 10.65 -29.50
N THR A 239 -7.32 9.68 -28.86
CA THR A 239 -8.74 9.45 -29.05
C THR A 239 -9.42 9.29 -27.71
N GLN A 240 -10.73 9.11 -27.78
CA GLN A 240 -11.53 8.87 -26.60
C GLN A 240 -11.31 7.44 -26.09
N ALA A 241 -11.20 7.30 -24.78
CA ALA A 241 -11.00 6.00 -24.14
C ALA A 241 -11.51 6.07 -22.71
N THR A 242 -12.07 4.98 -22.23
CA THR A 242 -12.62 4.94 -20.89
C THR A 242 -11.53 5.25 -19.87
N LEU A 243 -11.68 6.36 -19.16
CA LEU A 243 -10.72 6.72 -18.15
C LEU A 243 -10.87 5.78 -16.95
N ILE A 244 -9.77 5.17 -16.52
CA ILE A 244 -9.76 4.31 -15.34
C ILE A 244 -8.50 4.53 -14.51
N THR A 245 -8.65 4.95 -13.26
CA THR A 245 -7.50 5.05 -12.36
C THR A 245 -7.32 3.69 -11.70
N SER A 246 -6.11 3.14 -11.79
CA SER A 246 -5.88 1.82 -11.20
C SER A 246 -6.05 1.97 -9.68
N PRO A 247 -6.40 0.88 -9.00
CA PRO A 247 -6.76 1.04 -7.58
C PRO A 247 -5.66 1.65 -6.75
N PHE A 248 -6.02 2.63 -5.92
CA PHE A 248 -5.08 3.27 -5.02
C PHE A 248 -5.50 2.90 -3.61
N THR A 249 -4.55 2.45 -2.80
CA THR A 249 -4.85 2.09 -1.41
C THR A 249 -4.06 2.97 -0.48
N PHE A 250 -4.60 3.15 0.72
CA PHE A 250 -4.03 4.09 1.66
C PHE A 250 -4.64 3.78 3.01
N SER A 251 -4.06 4.33 4.06
CA SER A 251 -4.52 4.10 5.41
C SER A 251 -4.43 5.39 6.17
N TYR A 252 -5.39 5.62 7.05
CA TYR A 252 -5.36 6.78 7.88
C TYR A 252 -5.90 6.48 9.26
N ILE A 253 -5.48 7.30 10.22
CA ILE A 253 -5.96 7.22 11.59
C ILE A 253 -7.42 7.66 11.65
N ARG A 254 -8.27 6.83 12.24
CA ARG A 254 -9.70 7.10 12.26
C ARG A 254 -10.18 7.75 13.55
N GLU A 255 -11.32 8.42 13.45
CA GLU A 255 -11.99 9.00 14.62
C GLU A 255 -12.61 7.88 15.46
N ASP A 256 -12.77 8.13 16.76
CA ASP A 256 -13.58 7.27 17.63
C ASP A 256 -15.02 7.02 17.13
N ASP A 257 -15.50 5.80 17.36
CA ASP A 257 -16.84 5.37 16.96
C ASP A 257 -17.91 6.20 17.67
N ASN B 68 -5.71 -3.54 21.57
CA ASN B 68 -6.26 -4.88 21.40
C ASN B 68 -5.73 -5.50 20.12
N ASN B 69 -6.12 -4.92 18.99
CA ASN B 69 -5.55 -5.32 17.71
C ASN B 69 -4.66 -4.18 17.20
N THR B 70 -4.44 -3.16 18.02
CA THR B 70 -3.59 -2.01 17.67
C THR B 70 -2.50 -1.72 18.71
N LEU B 71 -1.26 -1.63 18.26
CA LEU B 71 -0.13 -1.30 19.12
C LEU B 71 0.51 -0.04 18.55
N TRP B 72 0.53 1.05 19.32
CA TRP B 72 0.91 2.33 18.73
C TRP B 72 1.45 3.36 19.69
N THR B 73 1.93 4.45 19.08
CA THR B 73 2.41 5.63 19.78
C THR B 73 1.29 6.56 20.19
N GLY B 74 0.10 6.28 19.66
CA GLY B 74 -0.99 7.22 19.72
C GLY B 74 -1.00 8.05 18.45
N PRO B 75 -2.10 8.78 18.22
CA PRO B 75 -2.34 9.51 16.96
C PRO B 75 -1.59 10.82 16.80
N LYS B 76 -1.10 11.42 17.87
CA LYS B 76 -0.46 12.73 17.78
C LYS B 76 0.51 12.85 18.94
N PRO B 77 1.58 12.06 18.91
CA PRO B 77 2.43 11.95 20.10
C PRO B 77 3.29 13.19 20.33
N GLU B 78 3.64 13.42 21.59
CA GLU B 78 4.67 14.38 21.95
C GLU B 78 6.00 13.83 21.42
N ALA B 79 7.03 14.67 21.44
CA ALA B 79 8.35 14.27 21.00
C ALA B 79 8.77 13.02 21.78
N ASN B 80 9.15 11.97 21.06
CA ASN B 80 9.33 10.66 21.67
C ASN B 80 10.47 9.91 21.01
N CYS B 81 11.18 10.57 20.09
CA CYS B 81 12.12 9.89 19.22
C CYS B 81 13.35 10.77 18.98
N ILE B 82 14.52 10.13 18.97
CA ILE B 82 15.80 10.83 18.78
C ILE B 82 16.44 10.48 17.44
N ILE B 83 16.58 11.48 16.59
CA ILE B 83 17.17 11.34 15.26
C ILE B 83 18.67 11.69 15.24
N GLU B 84 19.03 12.74 15.96
CA GLU B 84 20.41 13.22 16.02
C GLU B 84 21.19 12.34 16.99
N TYR B 85 22.12 11.58 16.44
CA TYR B 85 22.92 10.65 17.24
C TYR B 85 23.63 11.40 18.37
N GLY B 86 23.60 10.82 19.57
CA GLY B 86 24.29 11.41 20.70
C GLY B 86 23.42 12.38 21.48
N LYS B 87 22.33 12.83 20.86
CA LYS B 87 21.43 13.74 21.55
C LYS B 87 20.72 13.04 22.70
N GLN B 88 20.39 13.82 23.71
CA GLN B 88 20.03 13.32 25.02
C GLN B 88 18.52 13.09 25.11
N ASN B 89 17.77 13.98 24.47
CA ASN B 89 16.31 13.97 24.54
C ASN B 89 15.68 13.97 23.14
N PRO B 90 14.40 13.56 23.04
CA PRO B 90 13.62 13.55 21.80
C PRO B 90 13.77 14.84 21.01
N ASP B 91 13.95 14.69 19.71
CA ASP B 91 14.08 15.81 18.81
C ASP B 91 13.08 15.61 17.67
N SER B 92 12.17 14.65 17.83
CA SER B 92 11.22 14.32 16.77
C SER B 92 10.03 13.57 17.34
N LYS B 93 8.97 13.50 16.54
CA LYS B 93 7.73 12.83 16.91
C LYS B 93 7.48 11.70 15.95
N LEU B 94 7.69 10.48 16.43
CA LEU B 94 7.44 9.30 15.62
C LEU B 94 6.02 8.84 15.88
N THR B 95 5.22 8.77 14.81
CA THR B 95 3.90 8.14 14.88
C THR B 95 4.07 6.75 14.25
N LEU B 96 3.85 5.71 15.05
CA LEU B 96 3.96 4.33 14.55
C LEU B 96 2.76 3.57 15.00
N ILE B 97 2.06 2.95 14.05
CA ILE B 97 0.81 2.25 14.32
C ILE B 97 0.89 0.86 13.70
N LEU B 98 0.71 -0.16 14.52
CA LEU B 98 0.83 -1.53 14.08
C LEU B 98 -0.49 -2.24 14.39
N VAL B 99 -1.19 -2.64 13.34
CA VAL B 99 -2.49 -3.30 13.51
C VAL B 99 -2.42 -4.76 13.10
N LYS B 100 -2.82 -5.61 14.04
CA LYS B 100 -2.82 -7.06 13.86
C LYS B 100 -4.02 -7.47 13.01
N ASN B 101 -3.78 -8.00 11.81
CA ASN B 101 -4.83 -8.38 10.88
C ASN B 101 -4.61 -9.81 10.34
N GLY B 102 -5.27 -10.80 10.91
CA GLY B 102 -5.00 -12.18 10.57
C GLY B 102 -3.53 -12.49 10.86
N GLY B 103 -2.82 -13.09 9.92
CA GLY B 103 -1.45 -13.50 10.16
C GLY B 103 -0.44 -12.41 9.87
N ILE B 104 -0.92 -11.19 9.57
CA ILE B 104 -0.02 -10.08 9.29
C ILE B 104 -0.28 -8.87 10.18
N VAL B 105 0.71 -7.98 10.21
CA VAL B 105 0.54 -6.66 10.78
C VAL B 105 0.51 -5.65 9.64
N ASN B 106 -0.45 -4.72 9.68
CA ASN B 106 -0.46 -3.54 8.80
C ASN B 106 0.12 -2.37 9.58
N GLY B 107 1.15 -1.75 9.02
CA GLY B 107 1.85 -0.70 9.71
C GLY B 107 1.63 0.65 9.03
N TYR B 108 1.76 1.71 9.80
CA TYR B 108 1.59 3.08 9.32
C TYR B 108 2.64 3.84 10.09
N VAL B 109 3.52 4.55 9.40
CA VAL B 109 4.57 5.29 10.09
C VAL B 109 4.77 6.69 9.44
N THR B 110 4.90 7.71 10.29
CA THR B 110 5.29 9.05 9.84
C THR B 110 6.18 9.67 10.92
N LEU B 111 7.15 10.47 10.49
CA LEU B 111 8.07 11.16 11.39
C LEU B 111 7.90 12.68 11.23
N MET B 112 7.84 13.40 12.35
CA MET B 112 7.79 14.86 12.36
C MET B 112 8.97 15.43 13.18
N GLY B 113 9.75 16.33 12.57
CA GLY B 113 10.86 16.98 13.25
C GLY B 113 10.42 17.93 14.36
N ALA B 114 11.21 18.00 15.44
CA ALA B 114 10.91 18.85 16.57
C ALA B 114 12.22 19.38 17.15
N SER B 115 13.11 19.83 16.28
CA SER B 115 14.36 20.43 16.69
C SER B 115 14.93 21.08 15.46
N ASP B 116 15.80 22.06 15.68
CA ASP B 116 16.37 22.81 14.59
C ASP B 116 17.19 21.89 13.72
N TYR B 117 17.91 20.98 14.34
CA TYR B 117 18.73 20.04 13.59
C TYR B 117 17.87 19.27 12.60
N VAL B 118 16.85 18.59 13.12
CA VAL B 118 16.01 17.75 12.26
C VAL B 118 15.32 18.61 11.20
N ASN B 119 14.92 19.82 11.59
CA ASN B 119 14.12 20.64 10.69
C ASN B 119 15.00 21.44 9.73
N THR B 120 16.30 21.16 9.70
CA THR B 120 17.20 21.76 8.71
C THR B 120 17.89 20.70 7.84
N LEU B 121 17.57 19.43 8.07
CA LEU B 121 18.19 18.36 7.30
C LEU B 121 17.91 18.53 5.81
N PHE B 122 16.73 19.02 5.47
CA PHE B 122 16.34 19.11 4.07
C PHE B 122 16.88 20.35 3.36
N LYS B 123 17.87 20.98 3.97
CA LYS B 123 18.61 22.03 3.29
C LYS B 123 19.75 21.43 2.48
N ASN B 124 19.96 20.12 2.63
CA ASN B 124 20.90 19.38 1.80
C ASN B 124 20.18 18.47 0.82
N LYS B 125 20.85 18.16 -0.30
CA LYS B 125 20.29 17.39 -1.41
C LYS B 125 20.25 15.89 -1.06
N ASN B 126 21.20 15.48 -0.22
CA ASN B 126 21.33 14.08 0.18
C ASN B 126 21.00 14.04 1.66
N VAL B 127 20.07 13.19 2.01
CA VAL B 127 19.59 13.11 3.38
C VAL B 127 19.20 11.67 3.69
N SER B 128 19.64 11.22 4.84
CA SER B 128 19.35 9.88 5.30
C SER B 128 18.84 10.00 6.73
N ILE B 129 17.63 9.52 6.99
CA ILE B 129 17.06 9.56 8.33
C ILE B 129 16.80 8.15 8.81
N ASN B 130 17.37 7.82 9.97
CA ASN B 130 17.34 6.44 10.47
C ASN B 130 16.67 6.38 11.85
N VAL B 131 15.81 5.38 12.01
CA VAL B 131 15.15 5.10 13.28
C VAL B 131 15.30 3.59 13.53
N GLU B 132 15.77 3.19 14.70
CA GLU B 132 15.95 1.78 15.03
C GLU B 132 15.11 1.45 16.25
N LEU B 133 14.29 0.42 16.17
CA LEU B 133 13.45 -0.02 17.28
C LEU B 133 13.90 -1.41 17.68
N TYR B 134 14.22 -1.60 18.96
CA TYR B 134 14.60 -2.90 19.50
C TYR B 134 13.57 -3.30 20.54
N PHE B 135 13.06 -4.53 20.46
CA PHE B 135 11.99 -4.99 21.33
C PHE B 135 12.44 -6.20 22.11
N ASP B 136 11.93 -6.36 23.33
CA ASP B 136 12.21 -7.58 24.10
C ASP B 136 11.25 -8.70 23.71
N ALA B 137 11.27 -9.80 24.47
CA ALA B 137 10.59 -11.03 24.11
C ALA B 137 9.07 -10.91 24.20
N THR B 138 8.59 -9.92 24.97
CA THR B 138 7.17 -9.67 25.07
C THR B 138 6.75 -8.46 24.26
N GLY B 139 7.61 -8.02 23.35
CA GLY B 139 7.22 -7.05 22.35
C GLY B 139 7.28 -5.61 22.85
N HIS B 140 8.08 -5.37 23.89
CA HIS B 140 8.19 -4.03 24.46
C HIS B 140 9.49 -3.37 24.01
N ILE B 141 9.43 -2.10 23.67
CA ILE B 141 10.60 -1.33 23.25
C ILE B 141 11.68 -1.33 24.33
N LEU B 142 12.93 -1.46 23.90
CA LEU B 142 14.10 -1.25 24.75
C LEU B 142 14.56 0.18 24.51
N PRO B 143 14.23 1.11 25.42
CA PRO B 143 14.43 2.54 25.11
C PRO B 143 15.90 2.97 25.13
N ASP B 144 16.76 2.28 25.87
CA ASP B 144 18.16 2.67 25.95
C ASP B 144 18.79 2.63 24.56
N SER B 145 18.50 1.58 23.81
CA SER B 145 19.13 1.35 22.52
C SER B 145 18.25 1.85 21.36
N SER B 146 16.94 2.01 21.61
CA SER B 146 16.01 2.40 20.54
C SER B 146 15.99 3.92 20.31
N SER B 147 15.62 4.33 19.11
CA SER B 147 15.46 5.73 18.78
C SER B 147 14.19 6.26 19.42
N LEU B 148 13.22 5.37 19.56
CA LEU B 148 11.96 5.67 20.24
C LEU B 148 12.13 5.48 21.74
N LYS B 149 11.84 6.52 22.52
CA LYS B 149 12.20 6.51 23.94
C LYS B 149 11.02 6.22 24.85
N THR B 150 9.87 5.98 24.24
CA THR B 150 8.66 5.67 24.98
C THR B 150 8.03 4.41 24.39
N ASP B 151 7.58 3.50 25.23
CA ASP B 151 7.06 2.25 24.72
C ASP B 151 5.75 2.47 23.97
N LEU B 152 5.46 1.61 23.00
CA LEU B 152 4.18 1.61 22.35
C LEU B 152 3.12 1.18 23.37
N GLU B 153 1.85 1.46 23.08
CA GLU B 153 0.77 1.00 23.95
C GLU B 153 -0.32 0.33 23.15
N LEU B 154 -1.00 -0.61 23.81
CA LEU B 154 -2.20 -1.22 23.26
C LEU B 154 -3.39 -0.32 23.43
N GLU B 155 -4.27 -0.32 22.45
CA GLU B 155 -5.57 0.33 22.59
C GLU B 155 -6.51 -0.50 23.47
N TYR B 156 -6.03 -1.64 23.97
CA TYR B 156 -6.75 -2.44 24.95
C TYR B 156 -6.63 -1.87 26.37
N SER B 163 1.56 -8.43 26.97
CA SER B 163 2.45 -8.90 25.91
C SER B 163 2.01 -8.47 24.53
N ALA B 164 2.96 -8.02 23.73
CA ALA B 164 2.69 -7.52 22.43
C ALA B 164 3.46 -8.35 21.44
N ARG B 165 3.85 -9.52 21.88
CA ARG B 165 4.65 -10.40 21.07
C ARG B 165 3.97 -10.63 19.72
N GLY B 166 2.66 -10.76 19.76
CA GLY B 166 1.89 -11.02 18.55
C GLY B 166 1.96 -9.91 17.51
N PHE B 167 2.53 -8.76 17.88
CA PHE B 167 2.68 -7.65 16.93
C PHE B 167 4.07 -7.65 16.29
N MET B 168 4.94 -8.51 16.78
CA MET B 168 6.33 -8.48 16.35
C MET B 168 6.58 -9.21 15.03
N PRO B 169 7.64 -8.81 14.30
CA PRO B 169 7.94 -9.45 13.02
C PRO B 169 8.39 -10.89 13.23
N SER B 170 7.80 -11.83 12.49
CA SER B 170 8.11 -13.25 12.59
C SER B 170 9.60 -13.55 12.45
N THR B 171 10.18 -14.31 13.37
CA THR B 171 11.55 -14.78 13.21
C THR B 171 11.59 -16.02 12.34
N THR B 172 10.42 -16.47 11.88
CA THR B 172 10.37 -17.55 10.89
C THR B 172 10.46 -16.91 9.51
N ALA B 173 9.63 -15.90 9.23
CA ALA B 173 9.71 -15.20 7.96
C ALA B 173 10.98 -14.38 7.84
N TYR B 174 11.36 -13.73 8.93
CA TYR B 174 12.47 -12.76 8.92
C TYR B 174 13.44 -13.15 10.04
N PRO B 175 14.28 -14.15 9.79
CA PRO B 175 15.09 -14.66 10.91
C PRO B 175 16.27 -13.75 11.22
N PHE B 176 16.85 -13.89 12.41
CA PHE B 176 18.15 -13.33 12.71
C PHE B 176 19.16 -14.24 12.08
N VAL B 177 20.29 -13.69 11.66
CA VAL B 177 21.32 -14.49 11.06
C VAL B 177 22.66 -13.90 11.41
N LEU B 178 23.67 -14.74 11.34
CA LEU B 178 25.04 -14.28 11.37
C LEU B 178 25.53 -14.21 9.92
N PRO B 179 26.13 -13.07 9.50
CA PRO B 179 26.62 -12.79 8.14
C PRO B 179 27.43 -13.94 7.51
N THR B 183 24.70 -13.41 1.75
CA THR B 183 23.66 -12.45 1.45
C THR B 183 22.31 -12.91 1.94
N HIS B 184 21.53 -12.02 2.50
CA HIS B 184 20.31 -12.39 3.16
C HIS B 184 19.30 -11.27 3.13
N ASN B 185 18.60 -11.09 2.03
CA ASN B 185 17.76 -9.95 1.85
C ASN B 185 16.27 -10.15 1.97
N GLU B 186 15.86 -11.25 2.55
CA GLU B 186 14.45 -11.51 2.74
C GLU B 186 13.92 -10.74 3.93
N ASN B 187 14.79 -10.04 4.65
CA ASN B 187 14.37 -9.31 5.85
C ASN B 187 13.97 -7.85 5.56
N TYR B 188 13.91 -7.48 4.27
CA TYR B 188 13.67 -6.06 3.89
C TYR B 188 12.32 -5.81 3.23
N ILE B 189 11.74 -4.68 3.58
CA ILE B 189 10.64 -4.11 2.83
C ILE B 189 11.13 -2.77 2.29
N PHE B 190 10.88 -2.55 1.00
CA PHE B 190 11.29 -1.33 0.35
C PHE B 190 10.04 -0.63 -0.15
N GLY B 191 10.08 0.69 -0.17
CA GLY B 191 8.95 1.45 -0.62
C GLY B 191 9.32 2.90 -0.75
N GLN B 192 8.30 3.74 -0.79
CA GLN B 192 8.51 5.15 -1.03
C GLN B 192 7.45 5.92 -0.25
N CYS B 193 7.85 7.06 0.31
CA CYS B 193 6.87 8.03 0.73
C CYS B 193 7.38 9.38 0.22
N TYR B 194 6.88 10.49 0.77
CA TYR B 194 7.18 11.80 0.18
C TYR B 194 7.37 12.92 1.19
N TYR B 195 8.08 13.93 0.74
CA TYR B 195 8.21 15.18 1.49
C TYR B 195 7.79 16.35 0.59
N LYS B 196 6.82 17.13 1.05
CA LYS B 196 6.41 18.33 0.32
C LYS B 196 7.15 19.52 0.90
N ALA B 197 7.99 20.13 0.08
CA ALA B 197 8.82 21.22 0.53
C ALA B 197 7.97 22.49 0.63
N SER B 198 8.51 23.54 1.25
CA SER B 198 7.78 24.80 1.47
C SER B 198 7.27 25.48 0.19
N ASP B 199 8.00 25.31 -0.92
CA ASP B 199 7.61 25.89 -2.21
C ASP B 199 6.67 24.96 -2.96
N GLY B 200 6.19 23.92 -2.28
CA GLY B 200 5.17 23.04 -2.84
C GLY B 200 5.70 21.88 -3.68
N ALA B 201 7.01 21.82 -3.91
CA ALA B 201 7.61 20.72 -4.67
C ALA B 201 7.54 19.39 -3.88
N LEU B 202 7.16 18.32 -4.54
CA LEU B 202 7.04 17.02 -3.87
C LEU B 202 8.31 16.19 -4.10
N PHE B 203 8.99 15.81 -3.03
CA PHE B 203 10.20 14.98 -3.13
C PHE B 203 9.93 13.54 -2.68
N PRO B 204 10.24 12.54 -3.53
CA PRO B 204 10.10 11.15 -3.07
C PRO B 204 11.18 10.78 -2.04
N LEU B 205 10.81 10.03 -1.02
CA LEU B 205 11.78 9.51 -0.06
C LEU B 205 11.79 7.99 -0.19
N GLU B 206 12.96 7.43 -0.47
CA GLU B 206 13.10 5.97 -0.54
C GLU B 206 13.08 5.42 0.90
N VAL B 207 12.22 4.42 1.12
CA VAL B 207 12.08 3.84 2.43
C VAL B 207 12.62 2.38 2.44
N THR B 208 13.47 2.09 3.42
CA THR B 208 13.88 0.73 3.74
C THR B 208 13.44 0.39 5.17
N VAL B 209 12.65 -0.67 5.30
CA VAL B 209 12.35 -1.28 6.59
C VAL B 209 13.13 -2.59 6.72
N MET B 210 13.88 -2.75 7.80
CA MET B 210 14.57 -4.02 8.06
C MET B 210 13.93 -4.67 9.29
N LEU B 211 13.64 -5.97 9.16
CA LEU B 211 13.02 -6.72 10.25
C LEU B 211 13.99 -7.77 10.74
N ASN B 212 14.27 -7.73 12.03
CA ASN B 212 15.23 -8.64 12.66
C ASN B 212 16.58 -8.65 11.94
N LYS B 213 17.00 -9.82 11.46
CA LYS B 213 18.27 -10.00 10.75
C LYS B 213 19.52 -9.86 11.63
N ARG B 214 19.76 -8.67 12.16
CA ARG B 214 20.98 -8.39 12.93
C ARG B 214 20.71 -8.21 14.42
N LEU B 215 21.25 -9.11 15.21
CA LEU B 215 21.07 -9.06 16.65
C LEU B 215 22.22 -8.25 17.25
N PRO B 216 21.90 -7.14 17.91
CA PRO B 216 22.94 -6.31 18.51
C PRO B 216 23.28 -6.76 19.93
N ASP B 217 22.33 -7.38 20.62
CA ASP B 217 22.59 -7.78 22.00
C ASP B 217 21.64 -8.87 22.48
N SER B 218 21.87 -9.31 23.71
CA SER B 218 21.16 -10.45 24.27
C SER B 218 19.81 -10.04 24.84
N ARG B 219 19.62 -8.74 24.99
CA ARG B 219 18.39 -8.19 25.56
C ARG B 219 17.30 -8.11 24.48
N THR B 220 17.73 -8.18 23.23
CA THR B 220 16.86 -7.93 22.10
C THR B 220 16.27 -9.22 21.56
N SER B 221 14.97 -9.20 21.28
CA SER B 221 14.27 -10.33 20.67
C SER B 221 13.72 -10.04 19.27
N TYR B 222 13.52 -8.76 18.95
CA TYR B 222 13.04 -8.37 17.62
C TYR B 222 13.60 -7.00 17.26
N VAL B 223 13.79 -6.76 15.98
CA VAL B 223 14.30 -5.49 15.49
C VAL B 223 13.39 -4.99 14.38
N MET B 224 13.19 -3.68 14.35
CA MET B 224 12.46 -3.02 13.26
C MET B 224 13.15 -1.69 13.03
N THR B 225 13.77 -1.52 11.87
CA THR B 225 14.47 -0.28 11.57
C THR B 225 13.87 0.37 10.33
N PHE B 226 13.85 1.71 10.35
CA PHE B 226 13.38 2.52 9.22
C PHE B 226 14.51 3.39 8.74
N LEU B 227 14.62 3.50 7.43
CA LEU B 227 15.54 4.43 6.81
C LEU B 227 14.76 5.20 5.75
N TRP B 228 14.75 6.53 5.86
CA TRP B 228 14.20 7.40 4.82
C TRP B 228 15.36 8.08 4.11
N SER B 229 15.44 7.94 2.80
CA SER B 229 16.55 8.50 2.04
C SER B 229 16.06 9.46 0.97
N LEU B 230 16.67 10.63 0.94
CA LEU B 230 16.50 11.53 -0.19
C LEU B 230 17.82 11.72 -0.91
N ASN B 231 17.80 11.52 -2.22
CA ASN B 231 18.92 11.87 -3.07
C ASN B 231 18.40 12.64 -4.25
N ALA B 232 18.51 13.96 -4.14
CA ALA B 232 17.88 14.84 -5.11
C ALA B 232 18.89 15.65 -5.89
N GLY B 233 18.50 16.08 -7.09
CA GLY B 233 19.31 16.97 -7.88
C GLY B 233 19.32 18.28 -7.09
N LEU B 234 18.18 18.64 -6.49
CA LEU B 234 18.11 19.86 -5.64
C LEU B 234 17.43 19.74 -4.24
N ALA B 235 17.59 20.77 -3.39
CA ALA B 235 17.34 20.57 -1.97
C ALA B 235 15.95 21.06 -1.85
N PRO B 236 15.13 20.35 -1.09
CA PRO B 236 13.76 20.82 -0.94
C PRO B 236 13.73 22.22 -0.32
N GLU B 237 14.69 22.55 0.54
CA GLU B 237 14.61 23.75 1.37
C GLU B 237 15.87 24.61 1.37
N THR B 238 15.68 25.91 1.53
CA THR B 238 16.79 26.83 1.75
C THR B 238 16.83 27.23 3.22
N THR B 239 15.72 27.00 3.93
CA THR B 239 15.62 27.36 5.33
C THR B 239 14.98 26.27 6.18
N GLN B 240 14.91 26.54 7.48
CA GLN B 240 14.26 25.66 8.42
C GLN B 240 12.76 25.53 8.11
N ALA B 241 12.27 24.30 8.18
CA ALA B 241 10.87 24.00 7.90
C ALA B 241 10.57 22.70 8.61
N THR B 242 9.34 22.50 9.03
CA THR B 242 9.01 21.30 9.80
C THR B 242 9.17 20.05 8.94
N LEU B 243 10.10 19.19 9.33
CA LEU B 243 10.25 17.94 8.59
C LEU B 243 9.06 17.05 8.88
N ILE B 244 8.37 16.62 7.82
CA ILE B 244 7.27 15.68 7.96
C ILE B 244 7.35 14.69 6.83
N THR B 245 7.54 13.41 7.16
CA THR B 245 7.51 12.37 6.14
C THR B 245 6.03 11.99 5.91
N SER B 246 5.57 11.96 4.66
CA SER B 246 4.18 11.60 4.40
C SER B 246 4.01 10.14 4.83
N PRO B 247 2.79 9.76 5.26
CA PRO B 247 2.58 8.42 5.80
C PRO B 247 3.06 7.27 4.89
N PHE B 248 3.76 6.33 5.50
CA PHE B 248 4.25 5.14 4.82
C PHE B 248 3.55 3.94 5.44
N THR B 249 2.94 3.12 4.58
CA THR B 249 2.21 1.95 5.04
C THR B 249 2.97 0.71 4.58
N PHE B 250 2.90 -0.36 5.36
CA PHE B 250 3.60 -1.57 5.00
C PHE B 250 2.94 -2.69 5.77
N SER B 251 3.24 -3.93 5.38
CA SER B 251 2.69 -5.12 6.01
C SER B 251 3.80 -6.14 6.19
N TYR B 252 3.77 -6.89 7.29
CA TYR B 252 4.72 -7.97 7.50
C TYR B 252 4.09 -9.13 8.21
N ILE B 253 4.70 -10.30 8.09
CA ILE B 253 4.21 -11.51 8.74
C ILE B 253 4.53 -11.45 10.22
N ARG B 254 3.55 -11.69 11.07
CA ARG B 254 3.74 -11.50 12.49
C ARG B 254 4.04 -12.80 13.24
N GLU B 255 4.64 -12.62 14.40
CA GLU B 255 4.95 -13.70 15.31
C GLU B 255 3.64 -14.21 15.93
N ASP B 256 3.65 -15.45 16.39
CA ASP B 256 2.51 -15.97 17.17
C ASP B 256 2.22 -15.16 18.45
N ASP B 257 0.94 -15.01 18.78
CA ASP B 257 0.52 -14.35 20.01
C ASP B 257 1.07 -15.09 21.23
N LYS C 67 -9.14 -16.60 12.93
CA LYS C 67 -10.59 -16.54 12.82
C LYS C 67 -11.05 -16.82 11.40
N ASN C 68 -10.46 -17.85 10.78
CA ASN C 68 -10.69 -18.19 9.38
C ASN C 68 -10.13 -17.12 8.44
N ASN C 69 -9.67 -16.01 8.98
CA ASN C 69 -9.49 -14.80 8.17
C ASN C 69 -8.19 -14.71 7.35
N THR C 70 -7.33 -15.73 7.43
CA THR C 70 -6.09 -15.76 6.65
C THR C 70 -5.97 -17.01 5.77
N LEU C 71 -5.79 -16.79 4.46
CA LEU C 71 -5.56 -17.86 3.50
C LEU C 71 -4.18 -17.68 2.89
N TRP C 72 -3.30 -18.68 3.03
CA TRP C 72 -1.91 -18.46 2.70
C TRP C 72 -1.09 -19.70 2.42
N THR C 73 0.16 -19.44 2.01
CA THR C 73 1.13 -20.47 1.77
C THR C 73 1.93 -20.79 3.02
N GLY C 74 1.63 -20.12 4.13
CA GLY C 74 2.52 -20.16 5.28
C GLY C 74 3.64 -19.15 5.09
N PRO C 75 4.40 -18.87 6.16
CA PRO C 75 5.39 -17.78 6.23
C PRO C 75 6.73 -18.03 5.57
N LYS C 76 7.10 -19.31 5.40
CA LYS C 76 8.40 -19.66 4.86
C LYS C 76 8.29 -21.00 4.13
N PRO C 77 7.59 -21.02 3.00
CA PRO C 77 7.22 -22.26 2.31
C PRO C 77 8.38 -22.89 1.55
N GLU C 78 8.32 -24.21 1.39
CA GLU C 78 9.28 -24.92 0.56
C GLU C 78 8.96 -24.58 -0.89
N ALA C 79 9.86 -24.93 -1.79
CA ALA C 79 9.65 -24.71 -3.22
C ALA C 79 8.25 -25.22 -3.60
N ASN C 80 7.41 -24.32 -4.13
CA ASN C 80 6.01 -24.62 -4.34
C ASN C 80 5.46 -24.05 -5.62
N CYS C 81 6.34 -23.50 -6.45
CA CYS C 81 5.89 -22.69 -7.56
C CYS C 81 6.82 -22.92 -8.76
N ILE C 82 6.25 -22.92 -9.96
CA ILE C 82 7.04 -23.16 -11.16
C ILE C 82 7.03 -21.96 -12.08
N ILE C 83 8.20 -21.37 -12.26
CA ILE C 83 8.37 -20.22 -13.13
C ILE C 83 8.75 -20.67 -14.53
N GLU C 84 9.68 -21.61 -14.60
CA GLU C 84 10.29 -22.00 -15.87
C GLU C 84 9.33 -22.91 -16.65
N TYR C 85 8.99 -22.48 -17.86
CA TYR C 85 8.09 -23.23 -18.72
C TYR C 85 8.64 -24.63 -19.01
N GLY C 86 7.79 -25.62 -18.89
CA GLY C 86 8.15 -26.99 -19.20
C GLY C 86 8.69 -27.75 -17.99
N LYS C 87 9.17 -27.05 -16.97
CA LYS C 87 9.82 -27.71 -15.85
C LYS C 87 8.73 -28.44 -15.05
N GLN C 88 9.13 -29.53 -14.41
CA GLN C 88 8.21 -30.53 -13.89
C GLN C 88 8.01 -30.34 -12.37
N ASN C 89 9.01 -29.78 -11.69
CA ASN C 89 8.96 -29.57 -10.24
C ASN C 89 9.19 -28.09 -9.89
N PRO C 90 8.72 -27.67 -8.70
CA PRO C 90 8.92 -26.29 -8.23
C PRO C 90 10.36 -25.81 -8.36
N ASP C 91 10.53 -24.59 -8.84
CA ASP C 91 11.84 -23.96 -8.98
C ASP C 91 11.85 -22.62 -8.23
N SER C 92 10.81 -22.37 -7.46
CA SER C 92 10.68 -21.11 -6.74
C SER C 92 9.77 -21.26 -5.52
N LYS C 93 9.86 -20.28 -4.62
CA LYS C 93 9.07 -20.24 -3.38
C LYS C 93 8.18 -19.01 -3.39
N LEU C 94 6.87 -19.24 -3.53
CA LEU C 94 5.92 -18.16 -3.56
C LEU C 94 5.30 -18.05 -2.18
N THR C 95 5.51 -16.91 -1.54
CA THR C 95 4.80 -16.60 -0.31
C THR C 95 3.61 -15.75 -0.69
N LEU C 96 2.41 -16.23 -0.42
CA LEU C 96 1.21 -15.47 -0.71
C LEU C 96 0.32 -15.51 0.51
N ILE C 97 -0.16 -14.34 0.93
CA ILE C 97 -0.98 -14.24 2.12
C ILE C 97 -2.16 -13.37 1.79
N LEU C 98 -3.34 -13.92 2.00
CA LEU C 98 -4.58 -13.22 1.73
C LEU C 98 -5.35 -13.13 3.02
N VAL C 99 -5.57 -11.92 3.48
CA VAL C 99 -6.30 -11.68 4.72
C VAL C 99 -7.60 -10.98 4.44
N LYS C 100 -8.67 -11.60 4.92
CA LYS C 100 -10.02 -11.11 4.77
C LYS C 100 -10.28 -10.01 5.80
N ASN C 101 -10.63 -8.81 5.33
CA ASN C 101 -10.90 -7.68 6.21
C ASN C 101 -12.08 -6.85 5.69
N GLY C 102 -13.26 -7.01 6.29
CA GLY C 102 -14.47 -6.40 5.79
C GLY C 102 -14.73 -6.91 4.38
N GLY C 103 -15.02 -6.01 3.45
CA GLY C 103 -15.36 -6.42 2.10
C GLY C 103 -14.16 -6.50 1.17
N ILE C 104 -12.95 -6.38 1.72
CA ILE C 104 -11.74 -6.51 0.90
C ILE C 104 -10.82 -7.63 1.40
N VAL C 105 -9.90 -8.05 0.52
CA VAL C 105 -8.76 -8.84 0.92
C VAL C 105 -7.51 -7.97 0.85
N ASN C 106 -6.70 -8.00 1.92
CA ASN C 106 -5.35 -7.44 1.92
C ASN C 106 -4.37 -8.52 1.59
N GLY C 107 -3.56 -8.32 0.56
CA GLY C 107 -2.68 -9.35 0.06
C GLY C 107 -1.22 -8.98 0.27
N TYR C 108 -0.37 -9.99 0.38
CA TYR C 108 1.05 -9.81 0.56
C TYR C 108 1.71 -10.94 -0.24
N VAL C 109 2.62 -10.60 -1.15
CA VAL C 109 3.24 -11.60 -2.02
C VAL C 109 4.73 -11.33 -2.22
N THR C 110 5.53 -12.38 -2.16
CA THR C 110 6.97 -12.30 -2.45
C THR C 110 7.39 -13.63 -3.07
N LEU C 111 8.32 -13.55 -4.01
CA LEU C 111 8.77 -14.74 -4.72
C LEU C 111 10.26 -14.88 -4.52
N MET C 112 10.69 -16.09 -4.17
CA MET C 112 12.12 -16.38 -3.97
C MET C 112 12.55 -17.53 -4.89
N GLY C 113 13.62 -17.32 -5.63
CA GLY C 113 14.12 -18.32 -6.56
C GLY C 113 14.68 -19.55 -5.85
N ALA C 114 14.53 -20.73 -6.46
CA ALA C 114 15.05 -21.97 -5.91
C ALA C 114 15.55 -22.89 -7.04
N SER C 115 16.18 -22.29 -8.04
CA SER C 115 16.80 -23.04 -9.13
C SER C 115 17.80 -22.12 -9.80
N ASP C 116 18.78 -22.73 -10.47
CA ASP C 116 19.79 -21.98 -11.19
C ASP C 116 19.15 -21.11 -12.27
N TYR C 117 18.12 -21.63 -12.93
CA TYR C 117 17.43 -20.88 -13.97
C TYR C 117 16.84 -19.58 -13.40
N VAL C 118 16.02 -19.72 -12.35
CA VAL C 118 15.36 -18.56 -11.77
C VAL C 118 16.38 -17.59 -11.17
N ASN C 119 17.43 -18.14 -10.56
CA ASN C 119 18.43 -17.33 -9.86
C ASN C 119 19.52 -16.79 -10.77
N THR C 120 19.29 -16.89 -12.09
CA THR C 120 20.18 -16.26 -13.09
C THR C 120 19.38 -15.38 -14.04
N LEU C 121 18.07 -15.28 -13.83
CA LEU C 121 17.24 -14.40 -14.65
C LEU C 121 17.75 -12.96 -14.63
N PHE C 122 18.21 -12.49 -13.47
CA PHE C 122 18.63 -11.09 -13.34
C PHE C 122 20.06 -10.86 -13.84
N LYS C 123 20.56 -11.78 -14.64
CA LYS C 123 21.74 -11.57 -15.43
C LYS C 123 21.37 -10.85 -16.70
N ASN C 124 20.10 -10.66 -16.96
CA ASN C 124 19.65 -9.87 -18.08
C ASN C 124 18.96 -8.61 -17.62
N LYS C 125 19.09 -7.55 -18.38
CA LYS C 125 18.43 -6.29 -18.10
C LYS C 125 16.91 -6.24 -18.27
N ASN C 126 16.36 -6.99 -19.20
CA ASN C 126 14.93 -7.07 -19.34
C ASN C 126 14.43 -8.43 -18.93
N VAL C 127 13.47 -8.49 -18.03
CA VAL C 127 12.98 -9.77 -17.58
C VAL C 127 11.58 -9.66 -17.05
N SER C 128 10.83 -10.72 -17.28
CA SER C 128 9.45 -10.82 -16.88
C SER C 128 9.25 -12.14 -16.17
N ILE C 129 8.62 -12.08 -15.01
CA ILE C 129 8.30 -13.27 -14.24
C ILE C 129 6.79 -13.31 -14.05
N ASN C 130 6.19 -14.40 -14.51
CA ASN C 130 4.76 -14.63 -14.44
C ASN C 130 4.40 -15.75 -13.47
N VAL C 131 3.41 -15.47 -12.63
CA VAL C 131 2.82 -16.48 -11.78
C VAL C 131 1.32 -16.45 -12.00
N GLU C 132 0.76 -17.57 -12.43
CA GLU C 132 -0.69 -17.67 -12.64
C GLU C 132 -1.32 -18.60 -11.62
N LEU C 133 -2.36 -18.09 -10.96
CA LEU C 133 -3.14 -18.84 -9.99
C LEU C 133 -4.58 -18.97 -10.49
N TYR C 134 -5.05 -20.22 -10.58
CA TYR C 134 -6.39 -20.52 -11.02
C TYR C 134 -7.09 -21.30 -9.92
N PHE C 135 -8.30 -20.84 -9.56
CA PHE C 135 -9.07 -21.44 -8.48
C PHE C 135 -10.40 -21.99 -8.96
N ASP C 136 -10.90 -22.99 -8.25
CA ASP C 136 -12.22 -23.55 -8.52
C ASP C 136 -13.29 -22.76 -7.78
N ALA C 137 -14.52 -23.25 -7.87
CA ALA C 137 -15.70 -22.55 -7.38
C ALA C 137 -15.67 -22.31 -5.87
N THR C 138 -14.92 -23.14 -5.16
CA THR C 138 -14.77 -23.01 -3.71
C THR C 138 -13.42 -22.39 -3.34
N GLY C 139 -12.76 -21.72 -4.29
CA GLY C 139 -11.55 -20.97 -4.00
C GLY C 139 -10.34 -21.81 -3.64
N HIS C 140 -10.28 -23.04 -4.17
CA HIS C 140 -9.11 -23.90 -3.99
C HIS C 140 -8.28 -23.90 -5.26
N ILE C 141 -6.97 -23.85 -5.11
CA ILE C 141 -6.09 -23.86 -6.26
C ILE C 141 -6.31 -25.08 -7.17
N LEU C 142 -6.26 -24.83 -8.48
CA LEU C 142 -6.17 -25.88 -9.48
C LEU C 142 -4.66 -26.04 -9.83
N PRO C 143 -3.98 -27.01 -9.18
CA PRO C 143 -2.51 -27.11 -9.20
C PRO C 143 -1.89 -27.50 -10.54
N ASP C 144 -2.63 -28.16 -11.41
CA ASP C 144 -2.05 -28.61 -12.68
C ASP C 144 -1.78 -27.42 -13.58
N SER C 145 -2.76 -26.53 -13.67
CA SER C 145 -2.68 -25.36 -14.55
C SER C 145 -2.02 -24.16 -13.86
N SER C 146 -2.11 -24.10 -12.53
CA SER C 146 -1.53 -22.98 -11.76
C SER C 146 0.00 -23.08 -11.66
N SER C 147 0.66 -21.95 -11.48
CA SER C 147 2.09 -21.91 -11.20
C SER C 147 2.36 -22.49 -9.82
N LEU C 148 1.42 -22.26 -8.90
CA LEU C 148 1.50 -22.74 -7.54
C LEU C 148 0.96 -24.18 -7.47
N LYS C 149 1.75 -25.11 -6.94
CA LYS C 149 1.42 -26.53 -7.06
C LYS C 149 0.81 -27.11 -5.81
N THR C 150 0.77 -26.30 -4.76
CA THR C 150 0.15 -26.70 -3.51
C THR C 150 -0.95 -25.69 -3.18
N ASP C 151 -2.10 -26.18 -2.76
CA ASP C 151 -3.20 -25.30 -2.41
C ASP C 151 -2.85 -24.40 -1.21
N LEU C 152 -3.45 -23.22 -1.20
CA LEU C 152 -3.39 -22.38 -0.03
C LEU C 152 -4.12 -23.08 1.09
N GLU C 153 -3.76 -22.73 2.32
CA GLU C 153 -4.46 -23.26 3.48
C GLU C 153 -4.92 -22.11 4.38
N LEU C 154 -6.00 -22.36 5.10
CA LEU C 154 -6.45 -21.42 6.11
C LEU C 154 -5.60 -21.52 7.36
N GLU C 155 -5.48 -20.40 8.05
CA GLU C 155 -4.77 -20.36 9.31
CA GLU C 155 -4.77 -20.35 9.31
C GLU C 155 -5.61 -21.04 10.38
N TYR C 156 -6.87 -20.63 10.47
CA TYR C 156 -7.81 -21.19 11.42
C TYR C 156 -9.22 -20.83 10.99
N SER C 162 -12.87 -26.84 3.94
CA SER C 162 -13.84 -25.77 4.00
C SER C 162 -13.58 -24.73 2.91
N SER C 163 -14.64 -24.02 2.54
CA SER C 163 -14.59 -23.10 1.40
C SER C 163 -13.75 -21.87 1.66
N ALA C 164 -13.07 -21.43 0.61
CA ALA C 164 -12.23 -20.26 0.66
C ALA C 164 -12.77 -19.28 -0.38
N ARG C 165 -14.04 -19.44 -0.75
CA ARG C 165 -14.64 -18.62 -1.79
C ARG C 165 -14.54 -17.14 -1.43
N GLY C 166 -14.66 -16.84 -0.14
CA GLY C 166 -14.70 -15.47 0.31
C GLY C 166 -13.37 -14.73 0.19
N PHE C 167 -12.30 -15.44 -0.14
CA PHE C 167 -11.01 -14.80 -0.38
C PHE C 167 -10.79 -14.50 -1.86
N MET C 168 -11.69 -15.01 -2.70
CA MET C 168 -11.53 -14.88 -4.13
C MET C 168 -11.85 -13.47 -4.57
N PRO C 169 -11.29 -13.04 -5.72
CA PRO C 169 -11.63 -11.74 -6.28
C PRO C 169 -13.07 -11.68 -6.81
N SER C 170 -13.78 -10.63 -6.43
CA SER C 170 -15.17 -10.43 -6.85
C SER C 170 -15.32 -10.52 -8.37
N THR C 171 -16.30 -11.29 -8.81
CA THR C 171 -16.65 -11.37 -10.22
C THR C 171 -17.59 -10.24 -10.59
N THR C 172 -17.97 -9.46 -9.60
CA THR C 172 -18.75 -8.24 -9.86
C THR C 172 -17.80 -7.06 -10.07
N ALA C 173 -16.85 -6.87 -9.16
CA ALA C 173 -15.87 -5.81 -9.31
C ALA C 173 -14.89 -6.11 -10.43
N TYR C 174 -14.49 -7.37 -10.56
CA TYR C 174 -13.50 -7.78 -11.56
C TYR C 174 -14.15 -8.89 -12.37
N PRO C 175 -14.99 -8.51 -13.32
CA PRO C 175 -15.79 -9.52 -14.01
C PRO C 175 -14.97 -10.30 -15.01
N PHE C 176 -15.49 -11.46 -15.37
CA PHE C 176 -15.02 -12.13 -16.55
C PHE C 176 -15.72 -11.48 -17.69
N VAL C 177 -15.00 -11.37 -18.79
CA VAL C 177 -15.53 -10.70 -19.94
C VAL C 177 -15.49 -11.68 -21.08
N LEU C 178 -16.09 -11.28 -22.20
CA LEU C 178 -15.93 -12.03 -23.41
C LEU C 178 -14.47 -12.06 -23.77
N PRO C 179 -13.94 -13.25 -24.11
CA PRO C 179 -12.52 -13.57 -24.29
C PRO C 179 -11.70 -12.50 -25.01
N ASN C 180 -12.12 -12.07 -26.19
CA ASN C 180 -11.32 -11.11 -26.97
C ASN C 180 -12.11 -9.86 -27.39
N ALA C 181 -13.12 -9.48 -26.60
CA ALA C 181 -13.99 -8.36 -26.93
C ALA C 181 -13.58 -7.10 -26.18
N GLY C 182 -13.05 -6.14 -26.91
CA GLY C 182 -12.71 -4.86 -26.32
C GLY C 182 -11.62 -5.01 -25.28
N THR C 183 -11.68 -4.15 -24.28
CA THR C 183 -10.61 -4.05 -23.29
C THR C 183 -11.20 -3.72 -21.93
N HIS C 184 -10.63 -4.33 -20.89
CA HIS C 184 -11.17 -4.22 -19.54
C HIS C 184 -10.03 -4.04 -18.56
N ASN C 185 -9.52 -2.82 -18.52
CA ASN C 185 -8.44 -2.50 -17.61
C ASN C 185 -8.97 -2.34 -16.19
N GLU C 186 -10.28 -2.52 -16.03
CA GLU C 186 -10.88 -2.57 -14.70
C GLU C 186 -10.37 -3.77 -13.89
N ASN C 187 -9.76 -4.76 -14.55
CA ASN C 187 -9.39 -6.03 -13.92
C ASN C 187 -7.94 -6.07 -13.41
N TYR C 188 -7.26 -4.92 -13.46
CA TYR C 188 -5.82 -4.86 -13.16
C TYR C 188 -5.51 -3.99 -11.94
N ILE C 189 -4.53 -4.45 -11.18
CA ILE C 189 -3.87 -3.66 -10.15
C ILE C 189 -2.40 -3.51 -10.56
N PHE C 190 -1.87 -2.29 -10.50
CA PHE C 190 -0.47 -2.02 -10.86
C PHE C 190 0.23 -1.43 -9.67
N GLY C 191 1.51 -1.74 -9.57
CA GLY C 191 2.30 -1.25 -8.46
C GLY C 191 3.76 -1.53 -8.72
N GLN C 192 4.52 -1.49 -7.64
CA GLN C 192 5.96 -1.60 -7.73
C GLN C 192 6.50 -2.36 -6.53
N CYS C 193 7.49 -3.21 -6.72
CA CYS C 193 8.31 -3.65 -5.59
C CYS C 193 9.77 -3.61 -6.07
N TYR C 194 10.69 -4.28 -5.38
CA TYR C 194 12.11 -4.09 -5.70
C TYR C 194 12.88 -5.39 -5.61
N TYR C 195 14.01 -5.39 -6.30
CA TYR C 195 15.02 -6.43 -6.17
C TYR C 195 16.30 -5.78 -5.70
N LYS C 196 16.84 -6.25 -4.58
CA LYS C 196 18.11 -5.77 -4.08
C LYS C 196 19.18 -6.72 -4.59
N ALA C 197 20.08 -6.19 -5.41
CA ALA C 197 21.13 -6.99 -6.05
C ALA C 197 22.25 -7.28 -5.06
N SER C 198 23.13 -8.20 -5.43
CA SER C 198 24.20 -8.66 -4.54
C SER C 198 25.18 -7.53 -4.16
N ASP C 199 25.27 -6.49 -4.99
CA ASP C 199 26.14 -5.35 -4.73
C ASP C 199 25.42 -4.23 -3.96
N GLY C 200 24.15 -4.45 -3.63
CA GLY C 200 23.39 -3.52 -2.81
C GLY C 200 22.50 -2.58 -3.61
N ALA C 201 22.67 -2.55 -4.93
CA ALA C 201 21.85 -1.71 -5.79
C ALA C 201 20.39 -2.17 -5.77
N LEU C 202 19.48 -1.21 -5.78
CA LEU C 202 18.08 -1.49 -5.65
C LEU C 202 17.40 -1.21 -6.98
N PHE C 203 16.75 -2.23 -7.54
CA PHE C 203 16.09 -2.11 -8.83
C PHE C 203 14.57 -2.20 -8.69
N PRO C 204 13.84 -1.23 -9.26
CA PRO C 204 12.37 -1.31 -9.21
C PRO C 204 11.83 -2.43 -10.09
N LEU C 205 10.80 -3.11 -9.61
CA LEU C 205 10.10 -4.10 -10.40
C LEU C 205 8.68 -3.61 -10.54
N GLU C 206 8.22 -3.49 -11.78
CA GLU C 206 6.83 -3.14 -12.05
C GLU C 206 5.98 -4.38 -11.84
N VAL C 207 4.89 -4.22 -11.09
CA VAL C 207 3.99 -5.30 -10.78
C VAL C 207 2.65 -5.08 -11.45
N THR C 208 2.16 -6.15 -12.08
CA THR C 208 0.84 -6.17 -12.64
C THR C 208 0.12 -7.38 -12.02
N VAL C 209 -1.04 -7.11 -11.44
CA VAL C 209 -1.93 -8.15 -10.96
C VAL C 209 -3.18 -8.14 -11.81
N MET C 210 -3.54 -9.28 -12.38
CA MET C 210 -4.80 -9.41 -13.10
C MET C 210 -5.76 -10.27 -12.30
N LEU C 211 -6.98 -9.78 -12.16
CA LEU C 211 -8.01 -10.48 -11.41
C LEU C 211 -9.12 -10.90 -12.36
N ASN C 212 -9.38 -12.20 -12.37
CA ASN C 212 -10.43 -12.79 -13.19
C ASN C 212 -10.24 -12.44 -14.65
N LYS C 213 -11.22 -11.75 -15.24
CA LYS C 213 -11.15 -11.24 -16.61
C LYS C 213 -11.27 -12.34 -17.63
N ARG C 214 -10.38 -13.32 -17.53
CA ARG C 214 -10.21 -14.29 -18.58
C ARG C 214 -9.86 -15.69 -18.06
N LEU C 215 -10.50 -16.73 -18.62
CA LEU C 215 -10.28 -18.11 -18.20
C LEU C 215 -9.25 -18.85 -19.05
N PRO C 216 -8.43 -19.71 -18.43
CA PRO C 216 -7.50 -20.60 -19.15
C PRO C 216 -8.22 -21.84 -19.67
N ASP C 217 -9.39 -22.16 -19.10
CA ASP C 217 -10.15 -23.37 -19.43
C ASP C 217 -11.51 -23.29 -18.76
N SER C 218 -12.36 -24.29 -18.98
CA SER C 218 -13.71 -24.27 -18.44
C SER C 218 -13.81 -24.91 -17.03
N ARG C 219 -12.68 -25.26 -16.43
CA ARG C 219 -12.69 -25.79 -15.07
C ARG C 219 -12.55 -24.71 -14.02
N THR C 220 -12.21 -23.49 -14.47
CA THR C 220 -11.74 -22.44 -13.60
C THR C 220 -12.85 -21.45 -13.26
N SER C 221 -12.91 -21.04 -11.99
CA SER C 221 -13.90 -20.04 -11.55
C SER C 221 -13.27 -18.68 -11.19
N TYR C 222 -12.02 -18.67 -10.73
CA TYR C 222 -11.38 -17.40 -10.38
C TYR C 222 -9.95 -17.39 -10.87
N VAL C 223 -9.47 -16.19 -11.19
CA VAL C 223 -8.11 -16.04 -11.67
C VAL C 223 -7.38 -14.92 -10.92
N MET C 224 -6.12 -15.16 -10.62
CA MET C 224 -5.24 -14.15 -10.04
C MET C 224 -3.84 -14.38 -10.59
N THR C 225 -3.34 -13.44 -11.40
CA THR C 225 -1.98 -13.58 -11.95
C THR C 225 -1.10 -12.45 -11.48
N PHE C 226 0.19 -12.76 -11.33
CA PHE C 226 1.21 -11.78 -11.01
C PHE C 226 2.26 -11.71 -12.10
N LEU C 227 2.65 -10.50 -12.44
CA LEU C 227 3.74 -10.26 -13.36
C LEU C 227 4.70 -9.28 -12.71
N TRP C 228 5.95 -9.69 -12.55
CA TRP C 228 7.03 -8.79 -12.14
C TRP C 228 7.88 -8.52 -13.36
N SER C 229 8.12 -7.24 -13.62
CA SER C 229 8.83 -6.81 -14.81
C SER C 229 10.00 -5.88 -14.45
N LEU C 230 11.19 -6.25 -14.88
CA LEU C 230 12.36 -5.41 -14.74
C LEU C 230 12.75 -4.97 -16.14
N ASN C 231 13.01 -3.68 -16.28
CA ASN C 231 13.52 -3.14 -17.51
C ASN C 231 14.53 -2.07 -17.11
N ALA C 232 15.80 -2.45 -17.10
CA ALA C 232 16.87 -1.57 -16.64
C ALA C 232 17.86 -1.27 -17.76
N GLY C 233 18.67 -0.24 -17.56
CA GLY C 233 19.76 0.03 -18.46
C GLY C 233 20.77 -1.01 -18.03
N LEU C 234 20.79 -1.37 -16.72
CA LEU C 234 21.62 -2.49 -16.26
C LEU C 234 21.06 -3.61 -15.32
N ALA C 235 21.51 -4.80 -15.69
CA ALA C 235 21.34 -6.17 -15.20
C ALA C 235 21.89 -6.08 -13.85
N PRO C 236 21.00 -6.31 -12.89
CA PRO C 236 21.38 -6.29 -11.48
C PRO C 236 22.60 -7.20 -11.24
N GLU C 237 22.76 -8.26 -12.02
CA GLU C 237 23.77 -9.30 -11.69
C GLU C 237 24.61 -9.79 -12.88
N THR C 238 25.80 -10.28 -12.57
CA THR C 238 26.66 -10.92 -13.56
C THR C 238 26.90 -12.36 -13.15
N THR C 239 26.29 -12.75 -12.03
CA THR C 239 26.41 -14.10 -11.53
C THR C 239 25.08 -14.56 -10.98
N GLN C 240 25.06 -15.81 -10.55
CA GLN C 240 23.89 -16.39 -9.93
C GLN C 240 23.74 -15.75 -8.54
N ALA C 241 22.51 -15.44 -8.17
CA ALA C 241 22.22 -14.83 -6.89
C ALA C 241 20.77 -15.15 -6.56
N THR C 242 20.48 -15.35 -5.28
CA THR C 242 19.14 -15.70 -4.86
C THR C 242 18.15 -14.60 -5.27
N LEU C 243 17.23 -14.94 -6.17
CA LEU C 243 16.22 -13.97 -6.58
C LEU C 243 15.21 -13.78 -5.45
N ILE C 244 14.90 -12.52 -5.14
CA ILE C 244 13.88 -12.21 -4.14
C ILE C 244 13.13 -10.97 -4.59
N THR C 245 11.82 -11.08 -4.81
CA THR C 245 11.04 -9.88 -5.02
C THR C 245 10.61 -9.33 -3.64
N SER C 246 10.95 -8.07 -3.37
CA SER C 246 10.62 -7.48 -2.08
C SER C 246 9.10 -7.51 -1.94
N PRO C 247 8.60 -7.59 -0.71
CA PRO C 247 7.16 -7.75 -0.48
C PRO C 247 6.31 -6.72 -1.21
N PHE C 248 5.32 -7.22 -1.94
CA PHE C 248 4.34 -6.39 -2.63
C PHE C 248 3.00 -6.60 -1.95
N THR C 249 2.36 -5.51 -1.57
CA THR C 249 1.06 -5.54 -0.92
C THR C 249 0.01 -4.89 -1.82
N PHE C 250 -1.23 -5.31 -1.65
CA PHE C 250 -2.29 -4.88 -2.53
C PHE C 250 -3.62 -5.23 -1.88
N SER C 251 -4.70 -4.63 -2.36
CA SER C 251 -6.02 -4.94 -1.84
C SER C 251 -7.00 -5.09 -2.99
N TYR C 252 -7.99 -5.96 -2.81
CA TYR C 252 -9.06 -6.12 -3.79
C TYR C 252 -10.40 -6.46 -3.14
N ILE C 253 -11.45 -6.20 -3.91
CA ILE C 253 -12.80 -6.43 -3.49
C ILE C 253 -13.07 -7.90 -3.58
N ARG C 254 -13.55 -8.49 -2.50
CA ARG C 254 -13.66 -9.94 -2.40
C ARG C 254 -15.08 -10.41 -2.71
N GLU C 255 -15.15 -11.66 -3.13
CA GLU C 255 -16.41 -12.34 -3.39
C GLU C 255 -17.14 -12.65 -2.08
N ASP C 256 -18.45 -12.83 -2.14
CA ASP C 256 -19.22 -13.25 -0.96
C ASP C 256 -18.72 -14.57 -0.35
N ASP C 257 -18.81 -14.67 0.98
CA ASP C 257 -18.33 -15.83 1.70
C ASP C 257 -19.17 -17.06 1.31
#